data_2YYU
#
_entry.id   2YYU
#
_cell.length_a   51.650
_cell.length_b   70.151
_cell.length_c   62.865
_cell.angle_alpha   90.00
_cell.angle_beta   106.86
_cell.angle_gamma   90.00
#
_symmetry.space_group_name_H-M   'P 1 21 1'
#
loop_
_entity.id
_entity.type
_entity.pdbx_description
1 polymer "Orotidine 5'-phosphate decarboxylase"
2 non-polymer "CYTIDINE-5'-MONOPHOSPHATE"
3 water water
#
_entity_poly.entity_id   1
_entity_poly.type   'polypeptide(L)'
_entity_poly.pdbx_seq_one_letter_code
;GHMHTPFIVALDFPSKQEVERFLRPFAGTPLFVKVGMELYYQEGPAIVAFLKEQGHAVFLDLKLHDIPNTVKQAMKGLAR
VGADLVNVHAAGGRRMMEAAIEGLDAGTPSGRMRPRCIAVTQLTSTDERMLHEELWISRPLVETVAHYAALAKESGLDGV
VCSANEAAFIKERCGASFLAVTPGIRFADDAAHDQVRVVTPRKARALGSDYIVIGRSLTRAADPLRTYARLQHEWNGGER
ESTTPT
;
_entity_poly.pdbx_strand_id   A,B
#
loop_
_chem_comp.id
_chem_comp.type
_chem_comp.name
_chem_comp.formula
C5P non-polymer CYTIDINE-5'-MONOPHOSPHATE 'C9 H14 N3 O8 P'
#
# COMPACT_ATOMS: atom_id res chain seq x y z
N THR A 5 8.20 -10.49 23.65
CA THR A 5 9.26 -9.44 23.47
C THR A 5 8.64 -8.15 22.92
N PRO A 6 9.11 -6.99 23.41
CA PRO A 6 8.60 -5.70 22.95
C PRO A 6 9.41 -5.15 21.77
N PHE A 7 10.45 -5.88 21.38
CA PHE A 7 11.30 -5.44 20.29
C PHE A 7 10.89 -6.02 18.94
N ILE A 8 10.84 -5.15 17.93
CA ILE A 8 10.50 -5.53 16.58
C ILE A 8 11.69 -5.07 15.73
N VAL A 9 12.38 -6.02 15.10
CA VAL A 9 13.54 -5.69 14.30
C VAL A 9 13.21 -5.47 12.82
N ALA A 10 13.39 -4.24 12.35
CA ALA A 10 13.13 -3.88 10.96
C ALA A 10 14.16 -4.51 10.04
N LEU A 11 13.73 -5.48 9.25
CA LEU A 11 14.63 -6.15 8.32
C LEU A 11 14.68 -5.34 7.02
N ASP A 12 15.30 -4.16 7.08
CA ASP A 12 15.39 -3.32 5.90
C ASP A 12 16.62 -3.66 5.07
N PHE A 13 16.54 -4.81 4.43
CA PHE A 13 17.60 -5.33 3.58
C PHE A 13 17.04 -5.50 2.17
N PRO A 14 17.92 -5.52 1.15
CA PRO A 14 17.50 -5.67 -0.24
C PRO A 14 16.90 -7.03 -0.63
N SER A 15 17.41 -8.12 -0.06
CA SER A 15 16.90 -9.45 -0.40
C SER A 15 17.09 -10.46 0.72
N LYS A 16 16.67 -11.69 0.45
CA LYS A 16 16.79 -12.78 1.40
C LYS A 16 18.23 -13.03 1.83
N GLN A 17 19.16 -12.94 0.88
CA GLN A 17 20.57 -13.16 1.16
C GLN A 17 21.07 -12.31 2.32
N GLU A 18 20.76 -11.02 2.31
CA GLU A 18 21.18 -10.13 3.40
C GLU A 18 20.46 -10.51 4.69
N VAL A 19 19.19 -10.89 4.57
CA VAL A 19 18.39 -11.27 5.72
C VAL A 19 18.96 -12.52 6.40
N GLU A 20 19.35 -13.50 5.59
CA GLU A 20 19.93 -14.73 6.11
C GLU A 20 21.21 -14.42 6.87
N ARG A 21 22.07 -13.63 6.24
CA ARG A 21 23.35 -13.27 6.83
C ARG A 21 23.16 -12.58 8.19
N PHE A 22 22.26 -11.61 8.24
CA PHE A 22 21.99 -10.89 9.47
C PHE A 22 21.44 -11.76 10.59
N LEU A 23 20.51 -12.65 10.25
CA LEU A 23 19.88 -13.52 11.24
C LEU A 23 20.71 -14.66 11.79
N ARG A 24 21.75 -15.08 11.06
CA ARG A 24 22.57 -16.21 11.51
C ARG A 24 22.96 -16.16 12.99
N PRO A 25 23.53 -15.03 13.45
CA PRO A 25 23.93 -14.93 14.87
C PRO A 25 22.76 -15.15 15.84
N PHE A 26 21.56 -14.84 15.37
CA PHE A 26 20.36 -14.97 16.19
C PHE A 26 19.71 -16.36 16.15
N ALA A 27 20.40 -17.34 15.59
CA ALA A 27 19.88 -18.70 15.49
C ALA A 27 19.20 -19.16 16.78
N GLY A 28 19.86 -18.94 17.91
CA GLY A 28 19.30 -19.34 19.18
C GLY A 28 18.60 -18.19 19.88
N THR A 29 17.73 -17.50 19.16
CA THR A 29 17.01 -16.36 19.72
C THR A 29 15.80 -15.96 18.89
N PRO A 30 14.59 -16.39 19.29
CA PRO A 30 13.39 -16.04 18.54
C PRO A 30 13.27 -14.51 18.44
N LEU A 31 12.89 -14.02 17.27
CA LEU A 31 12.75 -12.57 17.07
C LEU A 31 11.41 -12.20 16.46
N PHE A 32 11.00 -10.96 16.68
CA PHE A 32 9.76 -10.45 16.11
C PHE A 32 10.31 -9.46 15.09
N VAL A 33 10.32 -9.87 13.81
CA VAL A 33 10.87 -9.03 12.75
C VAL A 33 9.83 -8.37 11.87
N LYS A 34 10.23 -7.28 11.23
CA LYS A 34 9.35 -6.53 10.36
C LYS A 34 9.83 -6.58 8.91
N VAL A 35 8.93 -7.01 8.04
CA VAL A 35 9.22 -7.09 6.61
C VAL A 35 8.44 -5.97 5.94
N GLY A 36 9.15 -5.01 5.38
CA GLY A 36 8.51 -3.88 4.72
C GLY A 36 8.34 -4.08 3.23
N MET A 37 7.92 -3.01 2.55
CA MET A 37 7.69 -3.03 1.09
C MET A 37 8.89 -3.43 0.26
N GLU A 38 10.03 -2.80 0.52
CA GLU A 38 11.24 -3.09 -0.23
C GLU A 38 11.55 -4.58 -0.28
N LEU A 39 11.64 -5.21 0.88
CA LEU A 39 11.95 -6.63 0.95
C LEU A 39 10.83 -7.55 0.46
N TYR A 40 9.60 -7.27 0.85
CA TYR A 40 8.49 -8.11 0.43
C TYR A 40 8.22 -8.07 -1.08
N TYR A 41 8.34 -6.89 -1.67
CA TYR A 41 8.12 -6.75 -3.11
C TYR A 41 9.25 -7.41 -3.91
N GLN A 42 10.37 -7.65 -3.24
CA GLN A 42 11.52 -8.29 -3.88
C GLN A 42 11.53 -9.81 -3.72
N GLU A 43 11.05 -10.31 -2.59
CA GLU A 43 11.03 -11.74 -2.32
C GLU A 43 9.66 -12.41 -2.44
N GLY A 44 8.60 -11.68 -2.09
CA GLY A 44 7.26 -12.25 -2.15
C GLY A 44 6.91 -13.00 -0.88
N PRO A 45 5.76 -13.68 -0.83
CA PRO A 45 5.36 -14.42 0.38
C PRO A 45 6.39 -15.45 0.86
N ALA A 46 7.34 -15.80 -0.02
CA ALA A 46 8.37 -16.77 0.32
C ALA A 46 9.22 -16.31 1.50
N ILE A 47 9.54 -15.03 1.54
CA ILE A 47 10.35 -14.46 2.62
C ILE A 47 9.68 -14.69 3.98
N VAL A 48 8.36 -14.66 4.00
CA VAL A 48 7.60 -14.88 5.23
C VAL A 48 7.73 -16.33 5.71
N ALA A 49 7.46 -17.27 4.80
CA ALA A 49 7.54 -18.70 5.13
C ALA A 49 8.92 -19.01 5.70
N PHE A 50 9.94 -18.45 5.07
CA PHE A 50 11.31 -18.66 5.51
C PHE A 50 11.48 -18.20 6.95
N LEU A 51 11.24 -16.92 7.18
CA LEU A 51 11.37 -16.34 8.51
C LEU A 51 10.65 -17.18 9.56
N LYS A 52 9.41 -17.57 9.28
CA LYS A 52 8.65 -18.40 10.19
C LYS A 52 9.44 -19.69 10.47
N GLU A 53 9.89 -20.34 9.41
CA GLU A 53 10.66 -21.58 9.53
C GLU A 53 11.92 -21.42 10.38
N GLN A 54 12.28 -20.18 10.68
CA GLN A 54 13.47 -19.93 11.49
C GLN A 54 13.05 -19.60 12.91
N GLY A 55 11.76 -19.78 13.20
CA GLY A 55 11.24 -19.52 14.53
C GLY A 55 11.09 -18.05 14.89
N HIS A 56 10.73 -17.23 13.91
CA HIS A 56 10.57 -15.80 14.13
C HIS A 56 9.13 -15.37 13.89
N ALA A 57 8.68 -14.36 14.63
CA ALA A 57 7.34 -13.82 14.45
C ALA A 57 7.50 -12.78 13.34
N VAL A 58 6.48 -12.62 12.49
CA VAL A 58 6.59 -11.67 11.40
C VAL A 58 5.53 -10.60 11.31
N PHE A 59 5.99 -9.35 11.21
CA PHE A 59 5.12 -8.20 11.07
C PHE A 59 5.27 -7.78 9.60
N LEU A 60 4.25 -8.05 8.80
CA LEU A 60 4.29 -7.68 7.40
C LEU A 60 3.78 -6.25 7.35
N ASP A 61 4.73 -5.32 7.23
CA ASP A 61 4.43 -3.89 7.20
C ASP A 61 4.24 -3.41 5.75
N LEU A 62 3.01 -3.52 5.26
CA LEU A 62 2.69 -3.12 3.90
C LEU A 62 1.74 -1.92 3.82
N LYS A 63 1.24 -1.48 4.97
CA LYS A 63 0.33 -0.34 5.05
C LYS A 63 -0.72 -0.32 3.93
N LEU A 64 -1.53 -1.37 3.87
CA LEU A 64 -2.57 -1.44 2.84
C LEU A 64 -3.54 -0.28 2.92
N HIS A 65 -3.79 0.32 1.76
CA HIS A 65 -4.68 1.46 1.64
C HIS A 65 -5.32 1.34 0.24
N ASP A 66 -6.54 0.81 0.21
CA ASP A 66 -7.25 0.62 -1.05
C ASP A 66 -8.74 0.53 -0.74
N ILE A 67 -9.56 0.26 -1.74
CA ILE A 67 -11.00 0.13 -1.52
C ILE A 67 -11.25 -1.07 -0.61
N PRO A 68 -12.37 -1.08 0.12
CA PRO A 68 -12.72 -2.16 1.04
C PRO A 68 -12.54 -3.60 0.54
N ASN A 69 -13.26 -3.99 -0.49
CA ASN A 69 -13.16 -5.36 -1.01
C ASN A 69 -11.77 -5.81 -1.43
N THR A 70 -10.97 -4.89 -1.98
CA THR A 70 -9.63 -5.25 -2.42
C THR A 70 -8.74 -5.52 -1.19
N VAL A 71 -8.91 -4.72 -0.15
CA VAL A 71 -8.13 -4.90 1.07
C VAL A 71 -8.54 -6.19 1.77
N LYS A 72 -9.80 -6.58 1.60
CA LYS A 72 -10.29 -7.81 2.22
C LYS A 72 -9.62 -9.03 1.58
N GLN A 73 -9.71 -9.12 0.26
CA GLN A 73 -9.09 -10.23 -0.46
C GLN A 73 -7.60 -10.24 -0.23
N ALA A 74 -7.02 -9.05 -0.11
CA ALA A 74 -5.58 -8.92 0.12
C ALA A 74 -5.21 -9.50 1.48
N MET A 75 -5.98 -9.15 2.51
CA MET A 75 -5.72 -9.66 3.85
C MET A 75 -5.98 -11.16 3.97
N LYS A 76 -6.93 -11.65 3.19
CA LYS A 76 -7.25 -13.07 3.19
C LYS A 76 -5.95 -13.71 2.73
N GLY A 77 -5.26 -13.03 1.82
CA GLY A 77 -4.01 -13.52 1.29
C GLY A 77 -2.85 -13.44 2.29
N LEU A 78 -2.77 -12.34 3.03
CA LEU A 78 -1.69 -12.17 4.00
C LEU A 78 -1.84 -13.07 5.22
N ALA A 79 -3.07 -13.50 5.50
CA ALA A 79 -3.30 -14.39 6.64
C ALA A 79 -2.80 -15.79 6.26
N ARG A 80 -2.99 -16.15 4.99
CA ARG A 80 -2.57 -17.47 4.51
C ARG A 80 -1.07 -17.59 4.27
N VAL A 81 -0.38 -16.46 4.21
CA VAL A 81 1.07 -16.48 4.02
C VAL A 81 1.74 -16.75 5.37
N GLY A 82 0.98 -16.56 6.44
CA GLY A 82 1.51 -16.79 7.78
C GLY A 82 1.86 -15.61 8.65
N ALA A 83 1.65 -14.39 8.15
CA ALA A 83 1.97 -13.18 8.91
C ALA A 83 1.31 -13.19 10.29
N ASP A 84 2.05 -12.73 11.29
CA ASP A 84 1.57 -12.67 12.66
C ASP A 84 0.97 -11.30 12.96
N LEU A 85 1.42 -10.30 12.22
CA LEU A 85 0.96 -8.93 12.38
C LEU A 85 0.99 -8.17 11.04
N VAL A 86 -0.06 -7.41 10.79
CA VAL A 86 -0.16 -6.63 9.56
C VAL A 86 -0.71 -5.25 9.90
N ASN A 87 -0.68 -4.34 8.94
CA ASN A 87 -1.20 -2.99 9.18
C ASN A 87 -1.90 -2.39 7.97
N VAL A 88 -2.63 -1.31 8.21
CA VAL A 88 -3.37 -0.61 7.18
C VAL A 88 -3.33 0.88 7.51
N HIS A 89 -3.77 1.70 6.58
CA HIS A 89 -3.83 3.14 6.80
C HIS A 89 -5.22 3.47 7.30
N ALA A 90 -5.30 4.17 8.44
CA ALA A 90 -6.59 4.55 8.98
C ALA A 90 -7.27 5.49 7.98
N ALA A 91 -6.47 6.11 7.12
CA ALA A 91 -6.99 7.04 6.11
C ALA A 91 -7.97 6.32 5.18
N GLY A 92 -7.85 5.00 5.10
CA GLY A 92 -8.72 4.22 4.24
C GLY A 92 -10.18 4.21 4.68
N GLY A 93 -10.45 4.60 5.92
CA GLY A 93 -11.82 4.61 6.41
C GLY A 93 -12.21 3.41 7.25
N ARG A 94 -13.27 3.56 8.04
CA ARG A 94 -13.75 2.49 8.91
C ARG A 94 -14.15 1.21 8.18
N ARG A 95 -14.91 1.36 7.10
CA ARG A 95 -15.35 0.23 6.31
C ARG A 95 -14.17 -0.59 5.81
N MET A 96 -13.15 0.07 5.29
CA MET A 96 -11.98 -0.63 4.78
C MET A 96 -11.26 -1.37 5.89
N MET A 97 -11.11 -0.73 7.04
CA MET A 97 -10.44 -1.34 8.18
C MET A 97 -11.22 -2.54 8.69
N GLU A 98 -12.55 -2.45 8.65
CA GLU A 98 -13.39 -3.55 9.10
C GLU A 98 -13.25 -4.70 8.11
N ALA A 99 -13.14 -4.34 6.82
CA ALA A 99 -13.00 -5.35 5.78
C ALA A 99 -11.68 -6.09 5.93
N ALA A 100 -10.63 -5.37 6.35
CA ALA A 100 -9.32 -5.99 6.55
C ALA A 100 -9.49 -7.11 7.56
N ILE A 101 -10.23 -6.82 8.62
CA ILE A 101 -10.48 -7.80 9.67
C ILE A 101 -11.19 -9.02 9.11
N GLU A 102 -12.18 -8.78 8.25
CA GLU A 102 -12.94 -9.88 7.64
C GLU A 102 -12.01 -10.74 6.81
N GLY A 103 -11.15 -10.07 6.03
CA GLY A 103 -10.22 -10.77 5.18
C GLY A 103 -9.29 -11.66 5.97
N LEU A 104 -8.72 -11.14 7.04
CA LEU A 104 -7.81 -11.91 7.87
C LEU A 104 -8.53 -13.14 8.40
N ASP A 105 -9.77 -12.96 8.85
CA ASP A 105 -10.54 -14.09 9.38
C ASP A 105 -10.74 -15.18 8.34
N ALA A 106 -11.23 -14.79 7.16
CA ALA A 106 -11.47 -15.74 6.09
C ALA A 106 -10.17 -16.38 5.62
N GLY A 107 -9.04 -15.76 5.94
CA GLY A 107 -7.76 -16.28 5.52
C GLY A 107 -7.06 -17.15 6.56
N THR A 108 -7.56 -17.13 7.78
CA THR A 108 -6.96 -17.91 8.86
C THR A 108 -7.55 -19.31 8.93
N PRO A 109 -6.70 -20.33 9.09
CA PRO A 109 -7.14 -21.73 9.16
C PRO A 109 -8.31 -21.92 10.14
N SER A 110 -7.97 -22.19 11.39
CA SER A 110 -8.95 -22.39 12.46
C SER A 110 -8.23 -22.73 13.76
N GLY A 111 -7.08 -23.38 13.64
CA GLY A 111 -6.30 -23.75 14.81
C GLY A 111 -5.54 -22.59 15.44
N ARG A 112 -5.69 -21.40 14.88
CA ARG A 112 -5.00 -20.22 15.41
C ARG A 112 -5.82 -18.94 15.26
N MET A 113 -5.36 -17.90 15.95
CA MET A 113 -6.02 -16.60 15.91
C MET A 113 -5.67 -15.92 14.59
N ARG A 114 -6.56 -15.07 14.12
CA ARG A 114 -6.30 -14.34 12.88
C ARG A 114 -5.07 -13.49 13.17
N PRO A 115 -4.28 -13.15 12.14
CA PRO A 115 -3.12 -12.32 12.44
C PRO A 115 -3.66 -11.03 13.02
N ARG A 116 -2.90 -10.40 13.92
CA ARG A 116 -3.36 -9.15 14.50
C ARG A 116 -3.25 -8.06 13.45
N CYS A 117 -3.88 -6.92 13.67
CA CYS A 117 -3.88 -5.85 12.68
C CYS A 117 -3.90 -4.46 13.32
N ILE A 118 -2.95 -3.61 12.93
CA ILE A 118 -2.86 -2.26 13.45
C ILE A 118 -2.95 -1.24 12.32
N ALA A 119 -3.27 0.00 12.68
CA ALA A 119 -3.43 1.06 11.71
C ALA A 119 -2.42 2.20 11.82
N VAL A 120 -2.04 2.74 10.67
CA VAL A 120 -1.14 3.88 10.65
C VAL A 120 -2.11 5.06 10.70
N THR A 121 -1.90 5.97 11.63
CA THR A 121 -2.77 7.13 11.77
C THR A 121 -2.21 8.16 10.79
N GLN A 122 -1.02 8.65 11.09
CA GLN A 122 -0.31 9.59 10.24
C GLN A 122 1.12 9.10 10.23
N LEU A 123 1.73 9.02 9.05
CA LEU A 123 3.11 8.57 8.96
C LEU A 123 4.00 9.40 9.88
N THR A 124 5.05 8.78 10.39
CA THR A 124 5.97 9.47 11.30
C THR A 124 6.69 10.63 10.61
N SER A 125 6.70 10.63 9.28
CA SER A 125 7.36 11.68 8.50
C SER A 125 6.43 12.82 8.09
N THR A 126 5.19 12.79 8.58
CA THR A 126 4.22 13.80 8.25
C THR A 126 4.16 14.86 9.36
N ASP A 127 4.53 16.10 9.03
CA ASP A 127 4.48 17.17 10.02
C ASP A 127 3.17 17.95 9.84
N GLU A 128 2.96 18.97 10.64
CA GLU A 128 1.72 19.72 10.55
C GLU A 128 1.56 20.50 9.25
N ARG A 129 2.66 20.99 8.69
CA ARG A 129 2.57 21.74 7.44
C ARG A 129 2.00 20.83 6.35
N MET A 130 2.62 19.67 6.17
CA MET A 130 2.17 18.71 5.17
C MET A 130 0.69 18.39 5.35
N LEU A 131 0.31 18.08 6.59
CA LEU A 131 -1.06 17.73 6.94
C LEU A 131 -2.09 18.81 6.58
N HIS A 132 -1.77 20.07 6.89
CA HIS A 132 -2.69 21.17 6.62
C HIS A 132 -2.65 21.69 5.19
N GLU A 133 -1.45 22.00 4.72
CA GLU A 133 -1.27 22.54 3.38
C GLU A 133 -1.41 21.54 2.23
N GLU A 134 -0.92 20.32 2.44
CA GLU A 134 -0.99 19.30 1.40
C GLU A 134 -2.18 18.34 1.49
N LEU A 135 -2.45 17.83 2.68
CA LEU A 135 -3.55 16.89 2.86
C LEU A 135 -4.89 17.58 3.14
N TRP A 136 -4.85 18.88 3.40
CA TRP A 136 -6.06 19.65 3.66
C TRP A 136 -6.85 19.20 4.89
N ILE A 137 -6.13 18.75 5.91
CA ILE A 137 -6.80 18.34 7.15
C ILE A 137 -6.79 19.54 8.06
N SER A 138 -7.96 20.16 8.24
CA SER A 138 -8.10 21.34 9.08
C SER A 138 -8.35 21.02 10.55
N ARG A 139 -7.28 20.60 11.23
CA ARG A 139 -7.30 20.26 12.65
C ARG A 139 -5.87 19.94 13.03
N PRO A 140 -5.53 20.10 14.32
CA PRO A 140 -4.17 19.82 14.79
C PRO A 140 -3.69 18.40 14.47
N LEU A 141 -2.39 18.25 14.26
CA LEU A 141 -1.82 16.94 13.96
C LEU A 141 -2.08 15.98 15.11
N VAL A 142 -1.86 16.44 16.34
CA VAL A 142 -2.06 15.61 17.53
C VAL A 142 -3.49 15.14 17.72
N GLU A 143 -4.44 16.03 17.43
CA GLU A 143 -5.85 15.69 17.56
C GLU A 143 -6.26 14.78 16.41
N THR A 144 -5.66 15.01 15.24
CA THR A 144 -5.96 14.20 14.07
C THR A 144 -5.47 12.77 14.28
N VAL A 145 -4.33 12.63 14.94
CA VAL A 145 -3.78 11.31 15.21
C VAL A 145 -4.69 10.53 16.16
N ALA A 146 -5.21 11.21 17.18
CA ALA A 146 -6.10 10.56 18.12
C ALA A 146 -7.41 10.17 17.43
N HIS A 147 -7.89 11.04 16.56
CA HIS A 147 -9.12 10.78 15.80
C HIS A 147 -8.95 9.52 14.95
N TYR A 148 -7.86 9.46 14.19
CA TYR A 148 -7.59 8.32 13.34
C TYR A 148 -7.39 7.04 14.16
N ALA A 149 -6.77 7.18 15.34
CA ALA A 149 -6.56 6.03 16.21
C ALA A 149 -7.91 5.53 16.70
N ALA A 150 -8.82 6.46 16.97
CA ALA A 150 -10.15 6.12 17.43
C ALA A 150 -10.90 5.39 16.31
N LEU A 151 -10.72 5.85 15.08
CA LEU A 151 -11.37 5.22 13.93
C LEU A 151 -10.93 3.76 13.83
N ALA A 152 -9.65 3.52 14.08
CA ALA A 152 -9.09 2.17 14.02
C ALA A 152 -9.65 1.37 15.20
N LYS A 153 -9.73 2.01 16.36
CA LYS A 153 -10.25 1.37 17.55
C LYS A 153 -11.70 0.94 17.30
N GLU A 154 -12.50 1.85 16.77
CA GLU A 154 -13.90 1.57 16.50
C GLU A 154 -14.12 0.54 15.38
N SER A 155 -13.14 0.41 14.49
CA SER A 155 -13.26 -0.54 13.39
C SER A 155 -12.97 -1.98 13.81
N GLY A 156 -12.46 -2.15 15.03
CA GLY A 156 -12.16 -3.48 15.52
C GLY A 156 -10.70 -3.87 15.39
N LEU A 157 -9.82 -2.92 15.08
CA LEU A 157 -8.39 -3.21 14.96
C LEU A 157 -7.73 -3.31 16.34
N ASP A 158 -6.56 -3.91 16.38
CA ASP A 158 -5.85 -4.12 17.65
C ASP A 158 -4.95 -2.99 18.15
N GLY A 159 -4.63 -2.04 17.28
CA GLY A 159 -3.77 -0.94 17.71
C GLY A 159 -3.30 -0.04 16.57
N VAL A 160 -2.27 0.75 16.85
CA VAL A 160 -1.75 1.67 15.84
C VAL A 160 -0.23 1.82 15.90
N VAL A 161 0.31 2.47 14.88
CA VAL A 161 1.73 2.77 14.82
C VAL A 161 1.78 4.24 15.22
N CYS A 162 2.61 4.57 16.19
CA CYS A 162 2.68 5.96 16.64
C CYS A 162 4.00 6.25 17.33
N SER A 163 4.31 7.52 17.51
CA SER A 163 5.53 7.88 18.20
C SER A 163 5.28 7.54 19.67
N ALA A 164 6.35 7.35 20.43
CA ALA A 164 6.21 7.01 21.84
C ALA A 164 5.57 8.17 22.61
N ASN A 165 5.64 9.37 22.03
CA ASN A 165 5.05 10.55 22.66
C ASN A 165 3.53 10.49 22.64
N GLU A 166 2.98 10.03 21.52
CA GLU A 166 1.54 9.92 21.36
C GLU A 166 0.94 8.68 22.02
N ALA A 167 1.79 7.78 22.47
CA ALA A 167 1.36 6.52 23.09
C ALA A 167 0.31 6.70 24.20
N ALA A 168 0.68 7.41 25.25
CA ALA A 168 -0.22 7.65 26.38
C ALA A 168 -1.53 8.30 25.96
N PHE A 169 -1.44 9.37 25.19
CA PHE A 169 -2.62 10.07 24.74
C PHE A 169 -3.54 9.19 23.91
N ILE A 170 -2.96 8.34 23.06
CA ILE A 170 -3.77 7.45 22.23
C ILE A 170 -4.49 6.41 23.09
N LYS A 171 -3.80 5.90 24.11
CA LYS A 171 -4.39 4.90 25.01
C LYS A 171 -5.49 5.52 25.86
N GLU A 172 -5.32 6.78 26.24
CA GLU A 172 -6.33 7.46 27.04
C GLU A 172 -7.60 7.56 26.21
N ARG A 173 -7.42 7.72 24.91
CA ARG A 173 -8.55 7.84 23.99
C ARG A 173 -9.14 6.49 23.59
N CYS A 174 -8.30 5.50 23.34
CA CYS A 174 -8.76 4.19 22.88
C CYS A 174 -8.65 3.00 23.85
N GLY A 175 -7.99 3.19 24.99
CA GLY A 175 -7.86 2.10 25.93
C GLY A 175 -6.41 1.75 26.19
N ALA A 176 -6.08 1.47 27.44
CA ALA A 176 -4.70 1.14 27.82
C ALA A 176 -4.17 -0.10 27.09
N SER A 177 -5.05 -1.03 26.77
CA SER A 177 -4.61 -2.24 26.07
C SER A 177 -4.48 -2.00 24.57
N PHE A 178 -4.95 -0.87 24.08
CA PHE A 178 -4.83 -0.56 22.66
C PHE A 178 -3.33 -0.48 22.39
N LEU A 179 -2.87 -1.33 21.48
CA LEU A 179 -1.45 -1.41 21.15
C LEU A 179 -0.81 -0.16 20.58
N ALA A 180 0.44 0.06 20.98
CA ALA A 180 1.22 1.20 20.52
C ALA A 180 2.56 0.69 20.00
N VAL A 181 2.66 0.51 18.69
CA VAL A 181 3.90 0.05 18.05
C VAL A 181 4.65 1.32 17.68
N THR A 182 5.82 1.53 18.26
CA THR A 182 6.56 2.75 18.01
C THR A 182 7.91 2.66 17.31
N PRO A 183 8.02 3.28 16.12
CA PRO A 183 9.25 3.28 15.34
C PRO A 183 10.09 4.48 15.73
N GLY A 184 11.19 4.69 15.01
CA GLY A 184 12.05 5.81 15.33
C GLY A 184 12.71 5.58 16.67
N ILE A 185 13.53 4.54 16.75
CA ILE A 185 14.24 4.19 17.97
C ILE A 185 15.75 4.36 17.76
N ARG A 186 16.41 5.03 18.70
CA ARG A 186 17.84 5.26 18.63
C ARG A 186 18.51 5.32 20.00
N PHE A 187 19.74 4.82 20.09
CA PHE A 187 20.49 4.83 21.33
C PHE A 187 20.98 6.25 21.62
N ALA A 188 21.16 6.56 22.90
CA ALA A 188 21.62 7.88 23.32
C ALA A 188 22.68 8.46 22.37
N ASP A 189 23.73 7.69 22.12
CA ASP A 189 24.80 8.11 21.23
C ASP A 189 24.49 7.70 19.78
N ARG A 197 14.20 9.77 15.68
CA ARG A 197 13.73 10.89 16.48
C ARG A 197 14.24 10.73 17.91
N VAL A 198 13.69 11.52 18.82
CA VAL A 198 14.07 11.43 20.23
C VAL A 198 13.61 10.05 20.65
N VAL A 199 14.55 9.19 21.03
CA VAL A 199 14.18 7.83 21.39
C VAL A 199 14.55 7.32 22.77
N THR A 200 15.63 6.55 22.82
CA THR A 200 16.08 5.91 24.04
C THR A 200 15.07 4.82 24.31
N PRO A 201 15.47 3.55 24.14
CA PRO A 201 14.53 2.45 24.38
C PRO A 201 13.81 2.60 25.72
N ARG A 202 14.56 2.88 26.79
CA ARG A 202 13.97 3.02 28.11
C ARG A 202 12.96 4.17 28.12
N LYS A 203 13.33 5.29 27.50
CA LYS A 203 12.44 6.44 27.44
C LYS A 203 11.16 6.03 26.72
N ALA A 204 11.30 5.24 25.67
CA ALA A 204 10.15 4.77 24.91
C ALA A 204 9.24 3.94 25.80
N ARG A 205 9.84 3.10 26.64
CA ARG A 205 9.07 2.26 27.56
C ARG A 205 8.35 3.08 28.62
N ALA A 206 8.98 4.18 29.03
CA ALA A 206 8.39 5.05 30.04
C ALA A 206 7.22 5.83 29.46
N LEU A 207 7.24 6.04 28.15
CA LEU A 207 6.19 6.79 27.47
C LEU A 207 4.94 5.96 27.21
N GLY A 208 5.05 4.63 27.36
CA GLY A 208 3.91 3.77 27.16
C GLY A 208 3.90 2.90 25.92
N SER A 209 5.01 2.85 25.20
CA SER A 209 5.10 2.03 23.99
C SER A 209 4.99 0.54 24.34
N ASP A 210 4.24 -0.20 23.54
CA ASP A 210 4.09 -1.64 23.78
C ASP A 210 5.19 -2.39 23.04
N TYR A 211 5.47 -1.97 21.82
CA TYR A 211 6.51 -2.56 20.99
C TYR A 211 7.33 -1.42 20.40
N ILE A 212 8.64 -1.62 20.27
CA ILE A 212 9.47 -0.60 19.66
C ILE A 212 10.14 -1.19 18.43
N VAL A 213 10.01 -0.49 17.31
CA VAL A 213 10.61 -0.93 16.07
C VAL A 213 12.03 -0.39 16.01
N ILE A 214 12.99 -1.30 16.03
CA ILE A 214 14.38 -0.90 15.98
C ILE A 214 14.92 -1.21 14.57
N GLY A 215 15.66 -0.27 13.99
CA GLY A 215 16.19 -0.45 12.65
C GLY A 215 17.71 -0.54 12.50
N ARG A 216 18.28 0.38 11.73
CA ARG A 216 19.73 0.39 11.48
C ARG A 216 20.54 0.37 12.76
N SER A 217 20.03 1.00 13.80
CA SER A 217 20.70 1.06 15.08
C SER A 217 21.16 -0.35 15.47
N LEU A 218 20.47 -1.35 14.93
CA LEU A 218 20.79 -2.75 15.21
C LEU A 218 21.27 -3.50 13.98
N THR A 219 20.51 -3.45 12.89
CA THR A 219 20.86 -4.16 11.67
C THR A 219 22.19 -3.72 11.05
N ARG A 220 22.62 -2.51 11.35
CA ARG A 220 23.87 -2.01 10.80
C ARG A 220 24.98 -1.92 11.87
N ALA A 221 24.65 -2.32 13.09
CA ALA A 221 25.62 -2.28 14.18
C ALA A 221 26.81 -3.17 13.87
N ALA A 222 27.97 -2.85 14.43
CA ALA A 222 29.17 -3.63 14.20
C ALA A 222 29.00 -5.03 14.79
N ASP A 223 28.24 -5.12 15.87
CA ASP A 223 28.00 -6.38 16.55
C ASP A 223 26.52 -6.44 16.88
N PRO A 224 25.69 -6.88 15.92
CA PRO A 224 24.25 -6.99 16.11
C PRO A 224 23.85 -7.69 17.39
N LEU A 225 24.24 -8.96 17.51
CA LEU A 225 23.91 -9.76 18.68
C LEU A 225 24.15 -8.99 19.97
N ARG A 226 25.33 -8.39 20.10
CA ARG A 226 25.66 -7.62 21.30
C ARG A 226 24.82 -6.35 21.44
N THR A 227 24.41 -5.78 20.30
CA THR A 227 23.58 -4.59 20.34
C THR A 227 22.19 -4.98 20.81
N TYR A 228 21.81 -6.24 20.57
CA TYR A 228 20.50 -6.70 20.99
C TYR A 228 20.50 -6.89 22.49
N ALA A 229 21.65 -7.30 23.03
CA ALA A 229 21.78 -7.50 24.47
C ALA A 229 21.68 -6.15 25.16
N ARG A 230 22.27 -5.11 24.55
CA ARG A 230 22.23 -3.77 25.12
C ARG A 230 20.81 -3.22 25.07
N LEU A 231 20.07 -3.59 24.04
CA LEU A 231 18.69 -3.14 23.89
C LEU A 231 17.87 -3.62 25.08
N GLN A 232 18.01 -4.91 25.40
CA GLN A 232 17.31 -5.50 26.53
C GLN A 232 17.64 -4.79 27.85
N HIS A 233 18.93 -4.57 28.07
CA HIS A 233 19.38 -3.91 29.30
C HIS A 233 18.83 -2.50 29.49
N GLU A 234 18.95 -1.65 28.48
CA GLU A 234 18.43 -0.30 28.61
C GLU A 234 16.92 -0.35 28.85
N TRP A 235 16.33 -1.50 28.55
CA TRP A 235 14.90 -1.69 28.74
C TRP A 235 14.62 -2.29 30.11
N ASN A 236 14.33 -1.42 31.07
CA ASN A 236 14.03 -1.83 32.43
C ASN A 236 13.19 -0.76 33.15
N HIS B 4 -0.22 2.50 -26.11
CA HIS B 4 -0.48 1.43 -27.12
C HIS B 4 -1.98 1.13 -27.14
N THR B 5 -2.55 0.85 -25.97
CA THR B 5 -3.97 0.56 -25.86
C THR B 5 -4.57 1.32 -24.68
N PRO B 6 -5.83 1.74 -24.78
CA PRO B 6 -6.52 2.49 -23.72
C PRO B 6 -7.16 1.60 -22.65
N PHE B 7 -7.24 0.31 -22.92
CA PHE B 7 -7.87 -0.61 -21.97
C PHE B 7 -6.90 -1.31 -21.03
N ILE B 8 -7.23 -1.31 -19.74
CA ILE B 8 -6.40 -1.97 -18.74
C ILE B 8 -7.26 -3.06 -18.09
N VAL B 9 -6.80 -4.30 -18.17
CA VAL B 9 -7.57 -5.41 -17.61
C VAL B 9 -7.11 -5.77 -16.20
N ALA B 10 -8.03 -5.63 -15.24
CA ALA B 10 -7.73 -5.92 -13.86
C ALA B 10 -7.73 -7.41 -13.54
N LEU B 11 -6.55 -7.92 -13.20
CA LEU B 11 -6.43 -9.34 -12.87
C LEU B 11 -6.74 -9.52 -11.39
N ASP B 12 -8.03 -9.42 -11.04
CA ASP B 12 -8.45 -9.57 -9.66
C ASP B 12 -8.63 -11.03 -9.26
N PHE B 13 -7.51 -11.76 -9.25
CA PHE B 13 -7.50 -13.18 -8.89
C PHE B 13 -6.43 -13.38 -7.82
N PRO B 14 -6.59 -14.42 -6.98
CA PRO B 14 -5.61 -14.69 -5.92
C PRO B 14 -4.42 -15.56 -6.31
N SER B 15 -4.40 -16.08 -7.54
CA SER B 15 -3.29 -16.93 -7.94
C SER B 15 -2.98 -16.94 -9.42
N LYS B 16 -1.76 -17.36 -9.74
CA LYS B 16 -1.30 -17.46 -11.11
C LYS B 16 -2.21 -18.36 -11.94
N GLN B 17 -2.59 -19.50 -11.36
CA GLN B 17 -3.45 -20.46 -12.04
C GLN B 17 -4.71 -19.84 -12.62
N GLU B 18 -5.43 -19.06 -11.81
CA GLU B 18 -6.66 -18.42 -12.28
C GLU B 18 -6.31 -17.36 -13.33
N VAL B 19 -5.14 -16.76 -13.19
CA VAL B 19 -4.68 -15.76 -14.15
C VAL B 19 -4.46 -16.44 -15.50
N GLU B 20 -3.77 -17.58 -15.49
CA GLU B 20 -3.50 -18.33 -16.71
C GLU B 20 -4.78 -18.76 -17.41
N ARG B 21 -5.77 -19.15 -16.62
CA ARG B 21 -7.04 -19.60 -17.16
C ARG B 21 -7.74 -18.47 -17.92
N PHE B 22 -7.73 -17.28 -17.33
CA PHE B 22 -8.37 -16.15 -17.97
C PHE B 22 -7.67 -15.75 -19.26
N LEU B 23 -6.34 -15.72 -19.22
CA LEU B 23 -5.54 -15.31 -20.37
C LEU B 23 -5.41 -16.30 -21.53
N ARG B 24 -5.70 -17.57 -21.28
CA ARG B 24 -5.57 -18.60 -22.30
C ARG B 24 -6.08 -18.19 -23.69
N PRO B 25 -7.33 -17.73 -23.80
CA PRO B 25 -7.84 -17.33 -25.12
C PRO B 25 -7.20 -16.07 -25.72
N PHE B 26 -6.49 -15.30 -24.89
CA PHE B 26 -5.85 -14.08 -25.37
C PHE B 26 -4.45 -14.29 -25.92
N ALA B 27 -4.05 -15.56 -26.06
CA ALA B 27 -2.73 -15.88 -26.59
C ALA B 27 -2.50 -15.14 -27.90
N GLY B 28 -1.37 -14.45 -28.01
CA GLY B 28 -1.06 -13.72 -29.22
C GLY B 28 -1.56 -12.30 -29.20
N THR B 29 -2.59 -12.03 -28.39
CA THR B 29 -3.16 -10.70 -28.27
C THR B 29 -2.61 -10.06 -27.00
N PRO B 30 -1.41 -9.45 -27.08
CA PRO B 30 -0.83 -8.82 -25.89
C PRO B 30 -1.80 -7.83 -25.28
N LEU B 31 -1.93 -7.88 -23.95
CA LEU B 31 -2.83 -6.98 -23.24
C LEU B 31 -2.07 -6.08 -22.27
N PHE B 32 -2.79 -5.11 -21.72
CA PHE B 32 -2.25 -4.20 -20.73
C PHE B 32 -3.02 -4.63 -19.47
N VAL B 33 -2.36 -5.36 -18.59
CA VAL B 33 -3.00 -5.87 -17.38
C VAL B 33 -2.65 -5.20 -16.07
N LYS B 34 -3.60 -5.20 -15.14
CA LYS B 34 -3.40 -4.60 -13.82
C LYS B 34 -3.28 -5.66 -12.73
N VAL B 35 -2.18 -5.62 -12.00
CA VAL B 35 -1.93 -6.55 -10.92
C VAL B 35 -2.17 -5.81 -9.60
N GLY B 36 -3.23 -6.19 -8.90
CA GLY B 36 -3.54 -5.54 -7.64
C GLY B 36 -2.85 -6.18 -6.46
N MET B 37 -3.22 -5.75 -5.26
CA MET B 37 -2.65 -6.28 -4.03
C MET B 37 -2.93 -7.76 -3.85
N GLU B 38 -4.18 -8.14 -4.07
CA GLU B 38 -4.60 -9.53 -3.90
C GLU B 38 -3.67 -10.48 -4.63
N LEU B 39 -3.46 -10.22 -5.91
CA LEU B 39 -2.60 -11.06 -6.73
C LEU B 39 -1.10 -10.97 -6.45
N TYR B 40 -0.58 -9.75 -6.36
CA TYR B 40 0.85 -9.56 -6.13
C TYR B 40 1.35 -10.05 -4.77
N TYR B 41 0.54 -9.88 -3.73
CA TYR B 41 0.97 -10.30 -2.40
C TYR B 41 0.92 -11.82 -2.20
N GLN B 42 0.26 -12.53 -3.11
CA GLN B 42 0.16 -13.98 -2.99
C GLN B 42 1.03 -14.71 -4.02
N GLU B 43 1.49 -14.00 -5.04
CA GLU B 43 2.34 -14.59 -6.07
C GLU B 43 3.70 -13.94 -6.12
N GLY B 44 3.78 -12.68 -5.68
CA GLY B 44 5.05 -11.97 -5.67
C GLY B 44 5.53 -11.49 -7.02
N PRO B 45 6.80 -11.01 -7.09
CA PRO B 45 7.36 -10.50 -8.34
C PRO B 45 7.33 -11.52 -9.48
N ALA B 46 7.17 -12.79 -9.13
CA ALA B 46 7.12 -13.86 -10.13
C ALA B 46 5.98 -13.65 -11.13
N ILE B 47 4.82 -13.23 -10.63
CA ILE B 47 3.67 -13.02 -11.49
C ILE B 47 3.97 -11.98 -12.57
N VAL B 48 4.71 -10.94 -12.21
CA VAL B 48 5.05 -9.88 -13.17
C VAL B 48 5.98 -10.37 -14.28
N ALA B 49 6.98 -11.17 -13.91
CA ALA B 49 7.92 -11.69 -14.90
C ALA B 49 7.12 -12.55 -15.87
N PHE B 50 6.19 -13.33 -15.33
CA PHE B 50 5.34 -14.21 -16.12
C PHE B 50 4.50 -13.43 -17.13
N LEU B 51 3.77 -12.43 -16.65
CA LEU B 51 2.92 -11.63 -17.52
C LEU B 51 3.73 -10.93 -18.62
N LYS B 52 4.94 -10.49 -18.28
CA LYS B 52 5.79 -9.83 -19.26
C LYS B 52 6.36 -10.80 -20.28
N GLU B 53 6.59 -12.05 -19.86
CA GLU B 53 7.11 -13.06 -20.78
C GLU B 53 6.06 -13.28 -21.86
N GLN B 54 4.79 -13.29 -21.44
CA GLN B 54 3.67 -13.50 -22.34
C GLN B 54 3.51 -12.31 -23.28
N GLY B 55 4.25 -11.24 -23.01
CA GLY B 55 4.20 -10.07 -23.86
C GLY B 55 3.17 -9.02 -23.45
N HIS B 56 2.75 -9.07 -22.19
CA HIS B 56 1.75 -8.11 -21.70
C HIS B 56 2.43 -6.92 -21.03
N ALA B 57 1.71 -5.80 -20.99
CA ALA B 57 2.22 -4.61 -20.32
C ALA B 57 1.62 -4.74 -18.93
N VAL B 58 2.33 -4.33 -17.90
CA VAL B 58 1.82 -4.49 -16.55
C VAL B 58 1.68 -3.23 -15.71
N PHE B 59 0.51 -3.07 -15.12
CA PHE B 59 0.22 -1.96 -14.24
C PHE B 59 0.17 -2.55 -12.83
N LEU B 60 1.17 -2.23 -12.02
CA LEU B 60 1.22 -2.72 -10.65
C LEU B 60 0.47 -1.73 -9.79
N ASP B 61 -0.74 -2.13 -9.39
CA ASP B 61 -1.63 -1.31 -8.59
C ASP B 61 -1.45 -1.64 -7.12
N LEU B 62 -0.37 -1.15 -6.51
CA LEU B 62 -0.10 -1.42 -5.10
C LEU B 62 -0.29 -0.19 -4.21
N LYS B 63 -0.61 0.93 -4.85
CA LYS B 63 -0.84 2.18 -4.15
C LYS B 63 0.13 2.43 -3.00
N LEU B 64 1.41 2.55 -3.33
CA LEU B 64 2.40 2.78 -2.28
C LEU B 64 2.07 4.02 -1.47
N HIS B 65 2.06 3.86 -0.16
CA HIS B 65 1.77 4.93 0.76
C HIS B 65 2.59 4.66 2.02
N ASP B 66 3.79 5.22 2.05
CA ASP B 66 4.69 5.02 3.19
C ASP B 66 5.63 6.22 3.25
N ILE B 67 6.58 6.20 4.17
CA ILE B 67 7.53 7.31 4.28
C ILE B 67 8.32 7.38 2.99
N PRO B 68 8.81 8.57 2.61
CA PRO B 68 9.59 8.87 1.41
C PRO B 68 10.66 7.85 0.99
N ASN B 69 11.65 7.63 1.85
CA ASN B 69 12.73 6.70 1.53
C ASN B 69 12.22 5.30 1.23
N THR B 70 11.33 4.79 2.07
CA THR B 70 10.79 3.45 1.87
C THR B 70 10.16 3.35 0.49
N VAL B 71 9.33 4.32 0.14
CA VAL B 71 8.68 4.34 -1.16
C VAL B 71 9.73 4.38 -2.26
N LYS B 72 10.74 5.23 -2.10
CA LYS B 72 11.80 5.34 -3.09
C LYS B 72 12.49 4.00 -3.33
N GLN B 73 12.92 3.33 -2.27
CA GLN B 73 13.58 2.05 -2.42
C GLN B 73 12.65 1.02 -3.06
N ALA B 74 11.38 1.05 -2.68
CA ALA B 74 10.41 0.11 -3.25
C ALA B 74 10.22 0.35 -4.74
N MET B 75 10.19 1.62 -5.15
CA MET B 75 10.01 1.93 -6.57
C MET B 75 11.17 1.44 -7.43
N LYS B 76 12.40 1.54 -6.90
CA LYS B 76 13.56 1.07 -7.65
C LYS B 76 13.34 -0.39 -8.01
N GLY B 77 12.89 -1.17 -7.03
CA GLY B 77 12.63 -2.58 -7.26
C GLY B 77 11.54 -2.78 -8.29
N LEU B 78 10.45 -2.03 -8.16
CA LEU B 78 9.33 -2.13 -9.09
C LEU B 78 9.74 -1.77 -10.51
N ALA B 79 10.73 -0.88 -10.65
CA ALA B 79 11.20 -0.50 -11.97
C ALA B 79 12.08 -1.63 -12.53
N ARG B 80 12.77 -2.33 -11.64
CA ARG B 80 13.63 -3.44 -12.05
C ARG B 80 12.83 -4.71 -12.38
N VAL B 81 11.68 -4.87 -11.73
CA VAL B 81 10.84 -6.04 -11.97
C VAL B 81 10.20 -5.98 -13.36
N GLY B 82 10.10 -4.78 -13.92
CA GLY B 82 9.53 -4.62 -15.24
C GLY B 82 8.19 -3.94 -15.36
N ALA B 83 7.73 -3.29 -14.29
CA ALA B 83 6.44 -2.61 -14.31
C ALA B 83 6.40 -1.52 -15.38
N ASP B 84 5.24 -1.34 -16.01
CA ASP B 84 5.05 -0.32 -17.03
C ASP B 84 4.30 0.87 -16.45
N LEU B 85 3.57 0.62 -15.36
CA LEU B 85 2.80 1.65 -14.68
C LEU B 85 2.65 1.26 -13.23
N VAL B 86 2.73 2.24 -12.35
CA VAL B 86 2.61 2.03 -10.91
C VAL B 86 1.91 3.25 -10.32
N ASN B 87 1.41 3.13 -9.09
CA ASN B 87 0.74 4.25 -8.45
C ASN B 87 1.10 4.40 -6.98
N VAL B 88 0.66 5.52 -6.43
CA VAL B 88 0.90 5.88 -5.04
C VAL B 88 -0.26 6.74 -4.57
N HIS B 89 -0.38 6.95 -3.26
CA HIS B 89 -1.43 7.80 -2.70
C HIS B 89 -0.91 9.23 -2.58
N ALA B 90 -1.65 10.18 -3.13
CA ALA B 90 -1.22 11.58 -3.04
C ALA B 90 -1.21 11.99 -1.58
N ALA B 91 -1.98 11.29 -0.75
CA ALA B 91 -2.06 11.58 0.67
C ALA B 91 -0.70 11.35 1.36
N GLY B 92 0.22 10.71 0.65
CA GLY B 92 1.55 10.45 1.20
C GLY B 92 2.40 11.71 1.21
N GLY B 93 1.91 12.77 0.57
CA GLY B 93 2.65 14.03 0.54
C GLY B 93 3.50 14.22 -0.70
N ARG B 94 3.82 15.46 -1.00
CA ARG B 94 4.63 15.79 -2.18
C ARG B 94 6.02 15.16 -2.11
N ARG B 95 6.65 15.25 -0.94
CA ARG B 95 7.97 14.70 -0.74
C ARG B 95 8.02 13.20 -1.06
N MET B 96 7.00 12.46 -0.63
CA MET B 96 6.95 11.02 -0.90
C MET B 96 6.77 10.74 -2.38
N MET B 97 5.92 11.52 -3.03
CA MET B 97 5.65 11.35 -4.45
C MET B 97 6.89 11.65 -5.29
N GLU B 98 7.67 12.64 -4.87
CA GLU B 98 8.90 13.00 -5.59
C GLU B 98 9.90 11.85 -5.39
N ALA B 99 9.92 11.29 -4.18
CA ALA B 99 10.83 10.19 -3.87
C ALA B 99 10.47 8.98 -4.75
N ALA B 100 9.18 8.80 -4.99
CA ALA B 100 8.69 7.70 -5.81
C ALA B 100 9.30 7.80 -7.21
N ILE B 101 9.31 9.01 -7.75
CA ILE B 101 9.87 9.24 -9.09
C ILE B 101 11.39 9.02 -9.05
N GLU B 102 12.03 9.42 -7.96
CA GLU B 102 13.47 9.24 -7.83
C GLU B 102 13.82 7.75 -7.86
N GLY B 103 13.03 6.95 -7.16
CA GLY B 103 13.26 5.52 -7.12
C GLY B 103 13.09 4.88 -8.48
N LEU B 104 12.07 5.31 -9.21
CA LEU B 104 11.80 4.77 -10.54
C LEU B 104 12.97 5.05 -11.49
N ASP B 105 13.47 6.29 -11.49
CA ASP B 105 14.60 6.63 -12.35
C ASP B 105 15.82 5.83 -11.94
N ALA B 106 15.99 5.63 -10.62
CA ALA B 106 17.12 4.89 -10.09
C ALA B 106 17.10 3.42 -10.51
N GLY B 107 15.90 2.87 -10.67
CA GLY B 107 15.79 1.48 -11.08
C GLY B 107 15.54 1.32 -12.57
N THR B 108 15.83 2.38 -13.33
CA THR B 108 15.65 2.34 -14.78
C THR B 108 16.97 2.62 -15.51
N PRO B 109 17.36 1.74 -16.43
CA PRO B 109 18.60 1.85 -17.22
C PRO B 109 18.72 3.15 -17.99
N SER B 110 19.95 3.61 -18.19
CA SER B 110 20.21 4.83 -18.94
C SER B 110 19.66 4.64 -20.35
N GLY B 111 19.11 5.71 -20.92
CA GLY B 111 18.58 5.62 -22.26
C GLY B 111 17.23 4.92 -22.35
N ARG B 112 16.60 4.67 -21.21
CA ARG B 112 15.30 4.01 -21.17
C ARG B 112 14.29 4.81 -20.37
N MET B 113 13.02 4.67 -20.74
CA MET B 113 11.93 5.36 -20.08
C MET B 113 11.51 4.68 -18.77
N ARG B 114 11.45 5.46 -17.69
CA ARG B 114 11.06 4.93 -16.40
C ARG B 114 9.58 4.58 -16.44
N PRO B 115 9.12 3.66 -15.58
CA PRO B 115 7.71 3.30 -15.59
C PRO B 115 6.87 4.55 -15.31
N ARG B 116 5.66 4.60 -15.86
CA ARG B 116 4.79 5.75 -15.60
C ARG B 116 4.34 5.63 -14.17
N CYS B 117 4.03 6.76 -13.53
CA CYS B 117 3.61 6.75 -12.14
C CYS B 117 2.45 7.70 -11.92
N ILE B 118 1.31 7.17 -11.46
CA ILE B 118 0.14 8.00 -11.22
C ILE B 118 -0.25 8.01 -9.75
N ALA B 119 -1.07 8.99 -9.38
CA ALA B 119 -1.48 9.13 -8.00
C ALA B 119 -2.96 8.91 -7.74
N VAL B 120 -3.23 8.25 -6.62
CA VAL B 120 -4.60 8.03 -6.18
C VAL B 120 -4.88 9.29 -5.36
N THR B 121 -5.94 10.01 -5.71
CA THR B 121 -6.29 11.22 -5.00
C THR B 121 -7.14 10.78 -3.81
N GLN B 122 -8.42 10.51 -4.08
CA GLN B 122 -9.31 9.99 -3.06
C GLN B 122 -9.86 8.72 -3.71
N LEU B 123 -9.91 7.63 -2.94
CA LEU B 123 -10.42 6.37 -3.47
C LEU B 123 -11.87 6.54 -3.94
N THR B 124 -12.27 5.70 -4.88
CA THR B 124 -13.64 5.76 -5.41
C THR B 124 -14.66 5.40 -4.34
N SER B 125 -14.24 4.62 -3.36
CA SER B 125 -15.13 4.19 -2.28
C SER B 125 -15.27 5.27 -1.20
N THR B 126 -14.57 6.38 -1.35
CA THR B 126 -14.64 7.46 -0.37
C THR B 126 -15.66 8.52 -0.75
N ASP B 127 -16.77 8.57 -0.01
CA ASP B 127 -17.81 9.56 -0.29
C ASP B 127 -17.49 10.85 0.48
N GLU B 128 -18.21 11.92 0.16
CA GLU B 128 -17.99 13.20 0.82
C GLU B 128 -18.12 13.11 2.33
N ARG B 129 -19.11 12.35 2.79
CA ARG B 129 -19.34 12.18 4.23
C ARG B 129 -18.10 11.60 4.92
N MET B 130 -17.59 10.51 4.38
CA MET B 130 -16.41 9.86 4.95
C MET B 130 -15.25 10.86 4.95
N LEU B 131 -15.15 11.62 3.87
CA LEU B 131 -14.09 12.62 3.72
C LEU B 131 -14.09 13.62 4.87
N HIS B 132 -15.27 14.13 5.20
CA HIS B 132 -15.42 15.13 6.26
C HIS B 132 -15.39 14.55 7.68
N GLU B 133 -16.28 13.60 7.93
CA GLU B 133 -16.41 12.99 9.26
C GLU B 133 -15.31 12.02 9.69
N GLU B 134 -14.78 11.23 8.76
CA GLU B 134 -13.71 10.30 9.12
C GLU B 134 -12.32 10.86 8.88
N LEU B 135 -12.08 11.34 7.67
CA LEU B 135 -10.79 11.90 7.29
C LEU B 135 -10.47 13.31 7.78
N TRP B 136 -11.48 13.99 8.33
CA TRP B 136 -11.31 15.35 8.83
C TRP B 136 -10.81 16.37 7.81
N ILE B 137 -11.22 16.18 6.56
CA ILE B 137 -10.89 17.10 5.48
C ILE B 137 -12.20 17.86 5.28
N SER B 138 -12.26 19.10 5.76
CA SER B 138 -13.47 19.92 5.67
C SER B 138 -13.83 20.47 4.29
N ARG B 139 -12.90 20.36 3.36
CA ARG B 139 -13.12 20.87 2.01
C ARG B 139 -13.90 19.89 1.13
N PRO B 140 -14.63 20.41 0.13
CA PRO B 140 -15.41 19.58 -0.79
C PRO B 140 -14.57 18.45 -1.38
N LEU B 141 -15.22 17.32 -1.66
CA LEU B 141 -14.54 16.17 -2.23
C LEU B 141 -13.95 16.49 -3.60
N VAL B 142 -14.71 17.23 -4.41
CA VAL B 142 -14.24 17.59 -5.75
C VAL B 142 -13.00 18.47 -5.71
N GLU B 143 -12.99 19.47 -4.84
CA GLU B 143 -11.84 20.37 -4.76
C GLU B 143 -10.65 19.67 -4.10
N THR B 144 -10.93 18.75 -3.19
CA THR B 144 -9.86 18.00 -2.52
C THR B 144 -9.16 17.16 -3.58
N VAL B 145 -9.96 16.53 -4.45
CA VAL B 145 -9.42 15.72 -5.53
C VAL B 145 -8.56 16.58 -6.44
N ALA B 146 -9.07 17.76 -6.79
CA ALA B 146 -8.34 18.69 -7.66
C ALA B 146 -7.02 19.11 -7.01
N HIS B 147 -7.07 19.34 -5.71
CA HIS B 147 -5.89 19.75 -4.97
C HIS B 147 -4.84 18.64 -5.02
N TYR B 148 -5.28 17.43 -4.68
CA TYR B 148 -4.39 16.26 -4.69
C TYR B 148 -3.77 16.03 -6.06
N ALA B 149 -4.58 16.13 -7.11
CA ALA B 149 -4.08 15.94 -8.46
C ALA B 149 -2.98 16.96 -8.73
N ALA B 150 -3.24 18.21 -8.37
CA ALA B 150 -2.27 19.29 -8.57
C ALA B 150 -0.99 18.96 -7.81
N LEU B 151 -1.13 18.42 -6.60
CA LEU B 151 0.03 18.07 -5.79
C LEU B 151 0.86 17.03 -6.53
N ALA B 152 0.21 15.98 -7.01
CA ALA B 152 0.89 14.92 -7.75
C ALA B 152 1.58 15.51 -8.97
N LYS B 153 0.88 16.41 -9.66
CA LYS B 153 1.43 17.06 -10.85
C LYS B 153 2.67 17.87 -10.46
N GLU B 154 2.61 18.50 -9.29
CA GLU B 154 3.72 19.31 -8.79
C GLU B 154 4.90 18.42 -8.40
N SER B 155 4.61 17.17 -8.07
CA SER B 155 5.64 16.22 -7.66
C SER B 155 6.35 15.57 -8.85
N GLY B 156 5.85 15.81 -10.05
CA GLY B 156 6.46 15.22 -11.23
C GLY B 156 5.79 13.96 -11.72
N LEU B 157 4.64 13.60 -11.12
CA LEU B 157 3.92 12.41 -11.54
C LEU B 157 3.26 12.64 -12.90
N ASP B 158 2.87 11.56 -13.56
CA ASP B 158 2.28 11.64 -14.89
C ASP B 158 0.76 11.72 -14.96
N GLY B 159 0.09 11.50 -13.83
CA GLY B 159 -1.36 11.55 -13.82
C GLY B 159 -1.95 11.00 -12.55
N VAL B 160 -3.24 10.68 -12.59
CA VAL B 160 -3.92 10.14 -11.41
C VAL B 160 -5.00 9.13 -11.76
N VAL B 161 -5.57 8.54 -10.71
CA VAL B 161 -6.67 7.59 -10.86
C VAL B 161 -7.87 8.46 -10.54
N CYS B 162 -8.86 8.50 -11.43
CA CYS B 162 -10.04 9.32 -11.21
C CYS B 162 -11.22 8.75 -11.98
N SER B 163 -12.43 9.13 -11.56
CA SER B 163 -13.63 8.66 -12.25
C SER B 163 -13.64 9.40 -13.57
N ALA B 164 -14.36 8.87 -14.55
CA ALA B 164 -14.42 9.51 -15.85
C ALA B 164 -14.94 10.93 -15.70
N ASN B 165 -15.84 11.12 -14.73
CA ASN B 165 -16.43 12.41 -14.47
C ASN B 165 -15.49 13.45 -13.86
N GLU B 166 -14.32 13.00 -13.41
CA GLU B 166 -13.35 13.90 -12.80
C GLU B 166 -12.23 14.26 -13.79
N ALA B 167 -12.10 13.46 -14.84
CA ALA B 167 -11.06 13.65 -15.84
C ALA B 167 -10.98 15.06 -16.40
N ALA B 168 -12.12 15.59 -16.86
CA ALA B 168 -12.18 16.91 -17.46
C ALA B 168 -11.66 18.04 -16.57
N PHE B 169 -12.16 18.16 -15.36
CA PHE B 169 -11.70 19.25 -14.49
C PHE B 169 -10.27 19.03 -13.99
N ILE B 170 -9.87 17.77 -13.88
CA ILE B 170 -8.51 17.48 -13.45
C ILE B 170 -7.53 17.91 -14.54
N LYS B 171 -7.92 17.74 -15.79
CA LYS B 171 -7.05 18.12 -16.90
C LYS B 171 -7.00 19.64 -17.08
N GLU B 172 -8.09 20.31 -16.76
CA GLU B 172 -8.12 21.76 -16.87
C GLU B 172 -7.16 22.33 -15.83
N ARG B 173 -7.07 21.67 -14.68
CA ARG B 173 -6.20 22.15 -13.62
C ARG B 173 -4.76 21.66 -13.77
N CYS B 174 -4.58 20.47 -14.34
CA CYS B 174 -3.23 19.92 -14.49
C CYS B 174 -2.69 19.85 -15.91
N GLY B 175 -3.54 20.10 -16.90
CA GLY B 175 -3.10 20.04 -18.28
C GLY B 175 -3.64 18.82 -18.99
N ALA B 176 -3.86 18.95 -20.30
CA ALA B 176 -4.39 17.86 -21.11
C ALA B 176 -3.50 16.61 -21.11
N SER B 177 -2.20 16.81 -20.97
CA SER B 177 -1.28 15.67 -20.98
C SER B 177 -1.30 14.87 -19.69
N PHE B 178 -1.87 15.45 -18.64
CA PHE B 178 -1.95 14.78 -17.35
C PHE B 178 -2.89 13.58 -17.53
N LEU B 179 -2.35 12.38 -17.33
CA LEU B 179 -3.13 11.16 -17.50
C LEU B 179 -4.29 10.94 -16.55
N ALA B 180 -5.39 10.45 -17.12
CA ALA B 180 -6.59 10.13 -16.37
C ALA B 180 -6.82 8.63 -16.55
N VAL B 181 -6.60 7.86 -15.50
CA VAL B 181 -6.79 6.41 -15.54
C VAL B 181 -8.06 6.16 -14.73
N THR B 182 -9.12 5.72 -15.41
CA THR B 182 -10.41 5.54 -14.77
C THR B 182 -11.00 4.14 -14.65
N PRO B 183 -11.31 3.71 -13.41
CA PRO B 183 -11.90 2.40 -13.13
C PRO B 183 -13.42 2.56 -13.10
N GLY B 184 -14.14 1.51 -12.72
CA GLY B 184 -15.58 1.60 -12.68
C GLY B 184 -16.21 1.64 -14.06
N ILE B 185 -15.86 0.66 -14.89
CA ILE B 185 -16.39 0.57 -16.24
C ILE B 185 -17.35 -0.61 -16.35
N ARG B 186 -18.46 -0.40 -17.05
CA ARG B 186 -19.46 -1.45 -17.24
C ARG B 186 -20.17 -1.23 -18.57
N PHE B 187 -20.53 -2.31 -19.24
CA PHE B 187 -21.26 -2.17 -20.49
C PHE B 187 -22.68 -1.74 -20.11
N ALA B 188 -23.38 -1.12 -21.05
CA ALA B 188 -24.73 -0.64 -20.79
C ALA B 188 -25.71 -1.69 -20.29
N ASP B 189 -25.37 -2.96 -20.43
CA ASP B 189 -26.30 -4.00 -20.03
C ASP B 189 -25.88 -4.98 -18.95
N ASP B 190 -25.01 -4.57 -18.04
CA ASP B 190 -24.59 -5.48 -16.98
C ASP B 190 -24.49 -4.84 -15.60
N ALA B 191 -23.66 -5.43 -14.73
CA ALA B 191 -23.44 -4.95 -13.38
C ALA B 191 -24.58 -5.44 -12.47
N ALA B 192 -24.43 -5.22 -11.16
CA ALA B 192 -25.45 -5.62 -10.20
C ALA B 192 -25.96 -4.39 -9.44
N ARG B 197 -21.93 5.75 -10.26
CA ARG B 197 -20.68 5.11 -9.86
C ARG B 197 -20.10 4.25 -10.99
N VAL B 198 -20.73 4.29 -12.16
CA VAL B 198 -20.27 3.50 -13.30
C VAL B 198 -20.52 4.21 -14.63
N VAL B 199 -19.69 3.89 -15.62
CA VAL B 199 -19.82 4.51 -16.94
C VAL B 199 -19.48 3.54 -18.09
N THR B 200 -19.96 3.88 -19.29
CA THR B 200 -19.75 3.07 -20.49
C THR B 200 -18.42 3.43 -21.15
N PRO B 201 -17.79 2.46 -21.84
CA PRO B 201 -16.52 2.71 -22.51
C PRO B 201 -16.56 3.97 -23.38
N ARG B 202 -17.59 4.08 -24.23
CA ARG B 202 -17.71 5.25 -25.10
C ARG B 202 -17.84 6.52 -24.27
N LYS B 203 -18.73 6.48 -23.27
CA LYS B 203 -18.94 7.62 -22.40
C LYS B 203 -17.67 8.02 -21.67
N ALA B 204 -16.91 7.01 -21.23
CA ALA B 204 -15.65 7.26 -20.52
C ALA B 204 -14.71 8.05 -21.40
N ARG B 205 -14.67 7.70 -22.69
CA ARG B 205 -13.81 8.38 -23.64
C ARG B 205 -14.28 9.81 -23.89
N ALA B 206 -15.60 9.99 -23.98
CA ALA B 206 -16.17 11.32 -24.20
C ALA B 206 -15.87 12.25 -23.03
N LEU B 207 -15.75 11.68 -21.84
CA LEU B 207 -15.48 12.45 -20.63
C LEU B 207 -14.01 12.85 -20.47
N GLY B 208 -13.12 12.23 -21.23
CA GLY B 208 -11.71 12.57 -21.14
C GLY B 208 -10.74 11.50 -20.66
N SER B 209 -11.27 10.37 -20.21
CA SER B 209 -10.39 9.29 -19.74
C SER B 209 -9.35 8.90 -20.79
N ASP B 210 -8.13 8.64 -20.34
CA ASP B 210 -7.07 8.23 -21.26
C ASP B 210 -7.04 6.71 -21.25
N TYR B 211 -7.17 6.13 -20.06
CA TYR B 211 -7.16 4.69 -19.87
C TYR B 211 -8.35 4.31 -19.00
N ILE B 212 -8.95 3.16 -19.30
CA ILE B 212 -10.09 2.69 -18.52
C ILE B 212 -9.80 1.30 -17.99
N VAL B 213 -10.05 1.11 -16.70
CA VAL B 213 -9.80 -0.18 -16.07
C VAL B 213 -11.05 -1.04 -16.12
N ILE B 214 -10.95 -2.16 -16.82
CA ILE B 214 -12.08 -3.08 -16.94
C ILE B 214 -11.77 -4.36 -16.17
N GLY B 215 -12.73 -4.81 -15.39
CA GLY B 215 -12.56 -6.02 -14.61
C GLY B 215 -13.56 -7.11 -14.96
N ARG B 216 -14.46 -7.39 -14.02
CA ARG B 216 -15.48 -8.42 -14.19
C ARG B 216 -16.28 -8.31 -15.50
N SER B 217 -16.37 -7.11 -16.06
CA SER B 217 -17.12 -6.93 -17.29
C SER B 217 -16.44 -7.70 -18.43
N LEU B 218 -15.23 -8.18 -18.15
CA LEU B 218 -14.48 -8.92 -19.14
C LEU B 218 -14.03 -10.26 -18.59
N THR B 219 -13.60 -10.27 -17.33
CA THR B 219 -13.13 -11.49 -16.68
C THR B 219 -14.24 -12.46 -16.31
N ARG B 220 -15.49 -12.02 -16.45
CA ARG B 220 -16.64 -12.88 -16.15
C ARG B 220 -17.55 -13.03 -17.36
N ALA B 221 -17.07 -12.60 -18.53
CA ALA B 221 -17.86 -12.69 -19.75
C ALA B 221 -17.89 -14.11 -20.31
N ALA B 222 -19.01 -14.49 -20.91
CA ALA B 222 -19.16 -15.81 -21.50
C ALA B 222 -18.19 -15.97 -22.67
N ASP B 223 -18.06 -14.90 -23.45
CA ASP B 223 -17.16 -14.88 -24.60
C ASP B 223 -16.18 -13.72 -24.41
N PRO B 224 -15.05 -14.00 -23.74
CA PRO B 224 -14.04 -12.95 -23.50
C PRO B 224 -13.51 -12.23 -24.73
N LEU B 225 -13.17 -12.98 -25.78
CA LEU B 225 -12.63 -12.37 -26.99
C LEU B 225 -13.63 -11.46 -27.71
N ARG B 226 -14.88 -11.90 -27.82
CA ARG B 226 -15.87 -11.07 -28.50
C ARG B 226 -16.15 -9.84 -27.64
N THR B 227 -16.06 -10.02 -26.32
CA THR B 227 -16.30 -8.92 -25.40
C THR B 227 -15.16 -7.92 -25.44
N TYR B 228 -13.94 -8.40 -25.66
CA TYR B 228 -12.80 -7.50 -25.75
C TYR B 228 -12.99 -6.66 -27.00
N ALA B 229 -13.51 -7.30 -28.05
CA ALA B 229 -13.75 -6.63 -29.33
C ALA B 229 -14.81 -5.55 -29.15
N ARG B 230 -15.88 -5.88 -28.42
CA ARG B 230 -16.96 -4.93 -28.18
C ARG B 230 -16.40 -3.71 -27.46
N LEU B 231 -15.44 -3.95 -26.57
CA LEU B 231 -14.82 -2.88 -25.80
C LEU B 231 -14.19 -1.89 -26.78
N GLN B 232 -13.41 -2.43 -27.72
CA GLN B 232 -12.72 -1.62 -28.72
C GLN B 232 -13.72 -0.89 -29.63
N HIS B 233 -14.71 -1.62 -30.12
CA HIS B 233 -15.71 -1.02 -31.01
C HIS B 233 -16.38 0.18 -30.36
N GLU B 234 -16.92 -0.01 -29.15
CA GLU B 234 -17.59 1.08 -28.47
C GLU B 234 -16.66 2.27 -28.23
N TRP B 235 -15.45 1.98 -27.75
CA TRP B 235 -14.47 3.04 -27.48
C TRP B 235 -14.16 3.86 -28.73
N ASN B 236 -13.96 3.17 -29.86
CA ASN B 236 -13.66 3.84 -31.11
C ASN B 236 -14.88 4.62 -31.62
O3P C5P C . 14.95 2.46 13.40
P C5P C . 15.72 2.95 12.04
O1P C5P C . 16.22 2.36 10.81
O2P C5P C . 15.00 4.30 11.58
O5' C5P C . 14.20 2.16 11.71
C5' C5P C . 13.60 1.94 10.31
C4' C5P C . 12.19 1.40 10.41
O4' C5P C . 11.35 2.26 11.29
C3' C5P C . 11.51 1.32 9.01
O3' C5P C . 11.16 0.02 8.68
C2' C5P C . 10.29 2.34 9.12
O2' C5P C . 9.00 1.74 8.96
C1' C5P C . 10.42 3.04 10.50
N1 C5P C . 10.73 4.57 10.28
C2 C5P C . 9.63 5.54 10.17
N3 C5P C . 10.00 6.93 9.95
C4 C5P C . 11.36 7.41 9.82
C5 C5P C . 12.49 6.48 9.93
C6 C5P C . 12.14 5.11 10.15
O2 C5P C . 8.41 5.22 10.26
N4 C5P C . 11.62 8.77 9.60
O3P C5P D . -14.81 -2.79 -12.39
P C5P D . -14.87 -4.32 -12.01
O1P C5P D . -14.09 -5.41 -12.33
O2P C5P D . -15.02 -4.75 -10.44
O5' C5P D . -13.47 -3.39 -11.65
C5' C5P D . -12.34 -3.84 -10.80
C4' C5P D . -11.28 -2.76 -10.78
O4' C5P D . -11.73 -1.32 -10.70
C3' C5P D . -10.34 -3.15 -9.60
O3' C5P D . -9.13 -3.66 -10.05
C2' C5P D . -10.34 -1.80 -8.76
O2' C5P D . -9.02 -1.19 -8.71
C1' C5P D . -11.42 -0.82 -9.40
N1 C5P D . -12.71 -0.65 -8.47
C2 C5P D . -13.04 0.65 -7.86
N3 C5P D . -14.21 0.75 -7.04
C4 C5P D . -15.10 -0.39 -6.76
C5 C5P D . -14.84 -1.73 -7.34
C6 C5P D . -13.68 -1.81 -8.16
O2 C5P D . -12.36 1.65 -8.03
N4 C5P D . -16.22 -0.22 -5.94
#